data_2MKO
#
_entry.id   2MKO
#
loop_
_entity.id
_entity.type
_entity.pdbx_description
1 polymer "DNA_(5'-D(*GP*GP*TP*TP*GP*GP*TP*GP*TP*GP*G)-3')"
2 non-polymer 'POTASSIUM ION'
#
_entity_poly.entity_id   1
_entity_poly.type   'polydeoxyribonucleotide'
_entity_poly.pdbx_seq_one_letter_code
;(DG)(DG)(DT)(DT)(DG)(DG)(DT)(DG)(DT)(DG)(DG)
;
_entity_poly.pdbx_strand_id   A
#